data_7OAM
#
_entry.id   7OAM
#
_cell.length_a   51.487
_cell.length_b   91.315
_cell.length_c   69.680
_cell.angle_alpha   90.000
_cell.angle_beta   100.780
_cell.angle_gamma   90.000
#
_symmetry.space_group_name_H-M   'P 1 21 1'
#
loop_
_entity.id
_entity.type
_entity.pdbx_description
1 polymer 'Tyrosine-protein kinase Mer'
2 non-polymer 1,2-ETHANEDIOL
3 non-polymer 2-[[2,5-bis(fluoranyl)phenyl]methylamino]-4-(cyclopentylamino)-N-[3-(2-oxidanylidenepyrrolidin-1-yl)propyl]pyrimidine-5-carboxamide
4 water water
#
_entity_poly.entity_id   1
_entity_poly.type   'polypeptide(L)'
_entity_poly.pdbx_seq_one_letter_code
;SMEELQNKLEDVVIDRNLLILGKILGEGEFGSVMEGNLKQEDGTSLKVAVKTMKLDNSSQREIEEFLSEAACMKDFSHPN
VIRLLGVCIEMSSQGIPKPMVILPFMKYGDLHTYLLYSRLETGPKHIPLQTLLKFMVDIALGMEYLSNRNFLHRDLAARN
CMLRDDMTVCVADFGLSKKIYSGDYYRQGRIAKMPVKWIAIESLADRVYTSKSDVWAFGVTMWEIATRGMTPYPGVQNHE
MYDYLLHGHRLKQPEDCLDELYEIMYSCWRTDPLDRPTFSVLRLQLEKLLESLPDV
;
_entity_poly.pdbx_strand_id   A,B
#
loop_
_chem_comp.id
_chem_comp.type
_chem_comp.name
_chem_comp.formula
EDO non-polymer 1,2-ETHANEDIOL 'C2 H6 O2'
V6H non-polymer 2-[[2,5-bis(fluoranyl)phenyl]methylamino]-4-(cyclopentylamino)-N-[3-(2-oxidanylidenepyrrolidin-1-yl)propyl]pyrimidine-5-carboxamide 'C24 H30 F2 N6 O2'
#
# COMPACT_ATOMS: atom_id res chain seq x y z
N ASN A 7 -0.83 26.50 -36.11
CA ASN A 7 -2.17 25.93 -36.36
C ASN A 7 -3.13 26.37 -35.25
N LYS A 8 -4.15 25.56 -34.95
CA LYS A 8 -5.14 25.78 -33.85
C LYS A 8 -4.70 25.01 -32.59
N LEU A 9 -3.41 24.67 -32.49
CA LEU A 9 -2.78 24.09 -31.27
C LEU A 9 -2.24 25.21 -30.39
N GLU A 10 -2.67 26.46 -30.64
CA GLU A 10 -2.64 27.61 -29.70
C GLU A 10 -4.04 27.82 -29.12
N ASP A 11 -5.07 27.17 -29.68
CA ASP A 11 -6.44 27.15 -29.11
C ASP A 11 -6.47 26.36 -27.78
N VAL A 12 -5.35 25.71 -27.40
CA VAL A 12 -5.21 24.98 -26.09
C VAL A 12 -4.23 25.75 -25.18
N VAL A 13 -3.33 26.54 -25.76
CA VAL A 13 -2.32 27.34 -25.00
C VAL A 13 -3.02 28.54 -24.38
N ILE A 14 -2.73 28.81 -23.10
CA ILE A 14 -3.31 29.90 -22.26
C ILE A 14 -2.18 30.86 -21.90
N ASP A 15 -2.43 32.16 -22.03
CA ASP A 15 -1.49 33.25 -21.63
C ASP A 15 -1.04 32.96 -20.19
N ARG A 16 0.27 32.84 -19.96
CA ARG A 16 0.88 32.57 -18.63
C ARG A 16 0.39 33.63 -17.61
N ASN A 17 0.09 34.85 -18.08
CA ASN A 17 -0.29 36.01 -17.22
C ASN A 17 -1.61 35.71 -16.51
N LEU A 18 -2.49 34.89 -17.08
CA LEU A 18 -3.84 34.61 -16.53
C LEU A 18 -3.74 33.61 -15.36
N LEU A 19 -2.55 33.08 -15.08
CA LEU A 19 -2.35 31.97 -14.11
C LEU A 19 -1.43 32.43 -12.98
N ILE A 20 -1.81 32.17 -11.73
CA ILE A 20 -0.91 32.30 -10.54
C ILE A 20 -0.79 30.91 -9.89
N LEU A 21 0.45 30.47 -9.61
CA LEU A 21 0.76 29.17 -8.97
C LEU A 21 0.85 29.33 -7.45
N GLY A 22 0.24 28.40 -6.71
CA GLY A 22 0.32 28.36 -5.24
C GLY A 22 1.27 27.27 -4.77
N LYS A 23 0.96 26.59 -3.67
CA LYS A 23 1.84 25.56 -3.07
C LYS A 23 1.84 24.29 -3.93
N ILE A 24 2.96 23.55 -3.86
CA ILE A 24 3.14 22.19 -4.42
C ILE A 24 2.21 21.23 -3.65
N LEU A 25 1.44 20.42 -4.39
CA LEU A 25 0.52 19.37 -3.88
C LEU A 25 1.19 17.99 -3.96
N GLY A 26 2.11 17.81 -4.91
CA GLY A 26 2.97 16.63 -5.06
C GLY A 26 4.06 16.92 -6.07
N GLU A 27 5.28 16.43 -5.83
CA GLU A 27 6.49 16.75 -6.63
C GLU A 27 7.15 15.45 -7.12
N SER A 32 5.85 18.03 -11.05
CA SER A 32 5.21 18.63 -9.84
C SER A 32 3.74 18.98 -10.12
N VAL A 33 2.87 18.80 -9.12
CA VAL A 33 1.46 19.28 -9.13
C VAL A 33 1.33 20.44 -8.13
N MET A 34 0.72 21.54 -8.54
CA MET A 34 0.52 22.77 -7.72
C MET A 34 -0.95 23.19 -7.77
N GLU A 35 -1.47 23.71 -6.68
CA GLU A 35 -2.72 24.52 -6.67
C GLU A 35 -2.48 25.78 -7.53
N GLY A 36 -3.55 26.42 -8.01
CA GLY A 36 -3.45 27.65 -8.81
C GLY A 36 -4.77 28.37 -8.96
N ASN A 37 -4.71 29.63 -9.39
CA ASN A 37 -5.87 30.45 -9.84
C ASN A 37 -5.69 30.75 -11.32
N LEU A 38 -6.68 30.42 -12.14
CA LEU A 38 -6.80 30.85 -13.55
C LEU A 38 -7.86 31.97 -13.66
N LYS A 39 -7.51 33.10 -14.26
CA LYS A 39 -8.50 34.11 -14.71
C LYS A 39 -9.16 33.59 -16.00
N GLN A 40 -10.49 33.43 -15.97
CA GLN A 40 -11.29 32.85 -17.09
C GLN A 40 -11.78 33.95 -18.05
N GLU A 41 -12.29 33.52 -19.21
CA GLU A 41 -12.73 34.42 -20.33
C GLU A 41 -13.83 35.35 -19.86
N ASP A 42 -14.59 34.98 -18.82
CA ASP A 42 -15.76 35.74 -18.31
C ASP A 42 -15.35 36.66 -17.13
N GLY A 43 -14.05 36.78 -16.85
CA GLY A 43 -13.51 37.67 -15.81
C GLY A 43 -13.39 37.03 -14.42
N THR A 44 -14.13 35.96 -14.12
CA THR A 44 -14.03 35.23 -12.84
C THR A 44 -12.67 34.51 -12.74
N SER A 45 -12.31 34.09 -11.53
CA SER A 45 -11.09 33.31 -11.20
C SER A 45 -11.50 31.89 -10.77
N LEU A 46 -10.94 30.86 -11.40
CA LEU A 46 -11.16 29.42 -11.09
C LEU A 46 -9.95 28.88 -10.32
N LYS A 47 -10.18 28.02 -9.33
CA LYS A 47 -9.11 27.21 -8.71
C LYS A 47 -8.73 26.09 -9.69
N VAL A 48 -7.44 25.95 -9.98
CA VAL A 48 -6.94 24.90 -10.90
C VAL A 48 -5.86 24.08 -10.19
N ALA A 49 -5.65 22.85 -10.65
CA ALA A 49 -4.44 22.06 -10.39
C ALA A 49 -3.51 22.23 -11.59
N VAL A 50 -2.19 22.21 -11.38
CA VAL A 50 -1.21 22.49 -12.47
C VAL A 50 -0.12 21.42 -12.47
N LYS A 51 -0.20 20.46 -13.41
CA LYS A 51 0.84 19.41 -13.59
C LYS A 51 1.93 20.02 -14.50
N THR A 52 3.16 20.12 -14.02
CA THR A 52 4.36 20.48 -14.83
C THR A 52 5.08 19.20 -15.27
N MET A 53 5.48 19.13 -16.55
CA MET A 53 6.19 17.97 -17.17
C MET A 53 7.59 18.40 -17.63
N LYS A 54 8.63 17.69 -17.20
CA LYS A 54 9.99 17.76 -17.81
C LYS A 54 9.93 16.99 -19.13
N LEU A 55 10.07 17.67 -20.26
CA LEU A 55 10.07 17.04 -21.60
C LEU A 55 11.52 16.82 -22.06
N ASP A 56 11.73 15.79 -22.89
CA ASP A 56 12.95 15.63 -23.71
C ASP A 56 12.91 16.75 -24.75
N ASN A 57 13.72 17.78 -24.57
CA ASN A 57 13.79 18.97 -25.46
C ASN A 57 15.06 18.88 -26.32
N SER A 58 15.62 17.67 -26.51
CA SER A 58 16.71 17.32 -27.48
C SER A 58 16.13 17.24 -28.91
N SER A 59 14.81 17.06 -29.04
CA SER A 59 14.02 17.09 -30.30
C SER A 59 12.66 17.76 -30.03
N GLN A 60 11.79 17.78 -31.02
CA GLN A 60 10.42 18.35 -30.93
C GLN A 60 9.38 17.24 -30.73
N ARG A 61 9.81 15.98 -30.81
CA ARG A 61 8.94 14.78 -30.74
C ARG A 61 8.04 14.85 -29.50
N GLU A 62 8.61 15.10 -28.31
CA GLU A 62 7.83 15.06 -27.04
C GLU A 62 6.74 16.13 -27.07
N ILE A 63 7.08 17.37 -27.47
CA ILE A 63 6.19 18.57 -27.47
C ILE A 63 5.04 18.32 -28.46
N GLU A 64 5.35 17.85 -29.66
CA GLU A 64 4.35 17.48 -30.70
C GLU A 64 3.34 16.50 -30.07
N GLU A 65 3.80 15.38 -29.51
CA GLU A 65 2.94 14.34 -28.88
C GLU A 65 2.09 15.00 -27.78
N PHE A 66 2.71 15.85 -26.96
CA PHE A 66 2.08 16.50 -25.79
C PHE A 66 0.95 17.42 -26.26
N LEU A 67 1.29 18.37 -27.14
CA LEU A 67 0.40 19.45 -27.62
C LEU A 67 -0.73 18.86 -28.46
N SER A 68 -0.46 17.81 -29.24
CA SER A 68 -1.49 17.05 -29.99
C SER A 68 -2.49 16.46 -28.99
N GLU A 69 -2.03 15.58 -28.09
CA GLU A 69 -2.90 14.85 -27.12
C GLU A 69 -3.71 15.88 -26.33
N ALA A 70 -3.04 16.93 -25.81
CA ALA A 70 -3.62 18.09 -25.09
C ALA A 70 -4.76 18.74 -25.89
N ALA A 71 -4.58 18.93 -27.21
CA ALA A 71 -5.58 19.55 -28.11
C ALA A 71 -6.93 18.85 -27.97
N CYS A 72 -6.97 17.51 -28.05
CA CYS A 72 -8.24 16.72 -28.04
C CYS A 72 -8.65 16.36 -26.60
N MET A 73 -7.72 16.29 -25.65
CA MET A 73 -8.05 16.20 -24.20
C MET A 73 -8.89 17.41 -23.76
N LYS A 74 -8.68 18.58 -24.38
CA LYS A 74 -9.38 19.85 -24.04
C LYS A 74 -10.84 19.78 -24.49
N ASP A 75 -11.11 19.03 -25.57
CA ASP A 75 -12.43 18.94 -26.25
C ASP A 75 -13.28 17.82 -25.61
N PHE A 76 -12.71 17.02 -24.72
CA PHE A 76 -13.39 15.94 -23.96
C PHE A 76 -14.41 16.56 -23.02
N SER A 77 -15.68 16.49 -23.40
CA SER A 77 -16.85 16.89 -22.57
C SER A 77 -17.61 15.63 -22.12
N HIS A 78 -17.59 15.34 -20.83
CA HIS A 78 -18.31 14.19 -20.21
C HIS A 78 -18.14 14.28 -18.70
N PRO A 79 -19.22 14.09 -17.91
CA PRO A 79 -19.16 14.26 -16.47
C PRO A 79 -18.04 13.42 -15.81
N ASN A 80 -17.80 12.22 -16.32
CA ASN A 80 -16.90 11.18 -15.75
C ASN A 80 -15.52 11.18 -16.44
N VAL A 81 -15.19 12.24 -17.18
CA VAL A 81 -13.83 12.53 -17.73
C VAL A 81 -13.44 13.92 -17.27
N ILE A 82 -12.21 14.10 -16.81
CA ILE A 82 -11.73 15.42 -16.32
C ILE A 82 -11.53 16.28 -17.56
N ARG A 83 -11.95 17.54 -17.55
CA ARG A 83 -11.73 18.46 -18.70
C ARG A 83 -10.39 19.13 -18.53
N LEU A 84 -9.54 19.06 -19.54
CA LEU A 84 -8.32 19.90 -19.64
C LEU A 84 -8.78 21.30 -19.99
N LEU A 85 -8.38 22.30 -19.21
CA LEU A 85 -8.78 23.72 -19.39
C LEU A 85 -7.83 24.40 -20.39
N GLY A 86 -6.56 23.99 -20.39
CA GLY A 86 -5.57 24.35 -21.41
C GLY A 86 -4.16 24.05 -20.94
N VAL A 87 -3.19 24.63 -21.64
CA VAL A 87 -1.73 24.45 -21.39
C VAL A 87 -1.10 25.84 -21.26
N CYS A 88 -0.13 25.99 -20.34
CA CYS A 88 0.75 27.18 -20.20
C CYS A 88 2.20 26.79 -20.48
N ILE A 89 2.99 27.71 -21.01
CA ILE A 89 4.45 27.52 -21.26
C ILE A 89 5.16 28.68 -20.56
N GLU A 90 5.75 28.42 -19.38
CA GLU A 90 6.70 29.35 -18.70
C GLU A 90 8.10 29.09 -19.26
N PRO A 97 11.41 26.70 -21.73
CA PRO A 97 10.47 25.92 -22.56
C PRO A 97 9.79 24.86 -21.67
N LYS A 98 9.04 25.31 -20.66
CA LYS A 98 8.50 24.45 -19.58
C LYS A 98 6.98 24.39 -19.69
N PRO A 99 6.39 23.29 -20.20
CA PRO A 99 4.94 23.19 -20.33
C PRO A 99 4.24 22.91 -18.99
N MET A 100 3.00 23.38 -18.86
CA MET A 100 2.14 23.19 -17.67
C MET A 100 0.74 22.81 -18.16
N VAL A 101 0.18 21.73 -17.64
CA VAL A 101 -1.22 21.24 -17.90
C VAL A 101 -2.09 21.82 -16.79
N ILE A 102 -3.22 22.42 -17.16
CA ILE A 102 -4.13 23.14 -16.23
C ILE A 102 -5.43 22.34 -16.21
N LEU A 103 -5.80 21.88 -15.04
CA LEU A 103 -6.97 21.00 -14.82
C LEU A 103 -7.81 21.61 -13.71
N PRO A 104 -9.11 21.28 -13.61
CA PRO A 104 -9.91 21.71 -12.47
C PRO A 104 -9.31 21.16 -11.17
N PHE A 105 -9.33 21.97 -10.12
CA PHE A 105 -8.96 21.61 -8.73
C PHE A 105 -10.13 20.87 -8.09
N MET A 106 -9.88 19.65 -7.58
CA MET A 106 -10.89 18.76 -6.97
C MET A 106 -10.64 18.71 -5.46
N LYS A 107 -11.43 19.44 -4.69
CA LYS A 107 -11.30 19.56 -3.22
C LYS A 107 -11.29 18.17 -2.57
N TYR A 108 -12.02 17.19 -3.11
CA TYR A 108 -12.15 15.84 -2.51
C TYR A 108 -11.00 14.91 -2.95
N GLY A 109 -10.15 15.35 -3.87
CA GLY A 109 -8.94 14.64 -4.32
C GLY A 109 -9.23 13.29 -4.99
N ASP A 110 -8.22 12.41 -4.98
CA ASP A 110 -8.24 11.08 -5.64
C ASP A 110 -9.13 10.10 -4.86
N LEU A 111 -9.67 9.12 -5.57
CA LEU A 111 -10.54 8.05 -5.03
C LEU A 111 -9.72 7.14 -4.08
N HIS A 112 -8.44 6.91 -4.35
CA HIS A 112 -7.65 5.93 -3.58
C HIS A 112 -7.58 6.41 -2.12
N THR A 113 -7.21 7.67 -1.93
CA THR A 113 -7.04 8.29 -0.60
C THR A 113 -8.40 8.42 0.08
N TYR A 114 -9.46 8.67 -0.69
CA TYR A 114 -10.84 8.77 -0.16
C TYR A 114 -11.22 7.44 0.52
N LEU A 115 -10.96 6.34 -0.18
CA LEU A 115 -11.27 4.96 0.28
C LEU A 115 -10.49 4.65 1.56
N LEU A 116 -9.20 4.99 1.61
CA LEU A 116 -8.36 4.85 2.83
C LEU A 116 -9.00 5.67 3.96
N TYR A 117 -9.36 6.94 3.70
CA TYR A 117 -9.99 7.84 4.69
C TYR A 117 -11.30 7.23 5.23
N SER A 118 -12.06 6.57 4.37
CA SER A 118 -13.37 5.96 4.71
C SER A 118 -13.19 4.90 5.80
N ARG A 119 -12.00 4.32 5.91
CA ARG A 119 -11.67 3.25 6.88
C ARG A 119 -11.20 3.87 8.21
N LEU A 120 -11.24 5.20 8.32
CA LEU A 120 -11.00 5.96 9.57
C LEU A 120 -12.34 6.57 10.03
N GLU A 121 -12.57 6.53 11.33
CA GLU A 121 -13.71 7.11 12.08
C GLU A 121 -13.90 8.61 11.82
N THR A 122 -12.83 9.37 11.63
CA THR A 122 -12.90 10.85 11.39
C THR A 122 -13.23 11.11 9.91
N GLY A 123 -12.77 10.24 9.01
CA GLY A 123 -13.03 10.38 7.56
C GLY A 123 -14.47 10.01 7.20
N PRO A 124 -14.77 9.94 5.88
CA PRO A 124 -16.09 9.55 5.38
C PRO A 124 -16.69 8.31 6.07
N LYS A 125 -18.01 8.27 6.21
CA LYS A 125 -18.74 7.14 6.84
C LYS A 125 -18.35 5.85 6.09
N HIS A 126 -18.69 4.67 6.63
CA HIS A 126 -18.53 3.37 5.95
C HIS A 126 -19.28 3.42 4.60
N ILE A 127 -18.54 3.47 3.50
CA ILE A 127 -19.11 3.46 2.14
C ILE A 127 -19.82 2.12 1.95
N PRO A 128 -21.15 2.09 1.66
CA PRO A 128 -21.84 0.83 1.39
C PRO A 128 -21.45 0.25 0.02
N LEU A 129 -21.91 -0.97 -0.30
CA LEU A 129 -21.68 -1.65 -1.59
C LEU A 129 -22.16 -0.73 -2.72
N GLN A 130 -23.40 -0.24 -2.63
CA GLN A 130 -24.08 0.61 -3.65
C GLN A 130 -23.13 1.72 -4.12
N THR A 131 -22.50 2.43 -3.18
CA THR A 131 -21.67 3.63 -3.44
C THR A 131 -20.38 3.19 -4.17
N LEU A 132 -19.74 2.11 -3.70
CA LEU A 132 -18.53 1.50 -4.33
C LEU A 132 -18.82 1.14 -5.78
N LEU A 133 -19.98 0.54 -6.05
CA LEU A 133 -20.39 0.12 -7.43
C LEU A 133 -20.58 1.36 -8.30
N LYS A 134 -21.28 2.38 -7.78
CA LYS A 134 -21.53 3.66 -8.49
C LYS A 134 -20.18 4.28 -8.89
N PHE A 135 -19.16 4.24 -8.00
CA PHE A 135 -17.79 4.70 -8.33
C PHE A 135 -17.27 3.92 -9.54
N MET A 136 -17.46 2.60 -9.53
CA MET A 136 -16.99 1.69 -10.59
C MET A 136 -17.74 2.03 -11.88
N VAL A 137 -19.05 2.28 -11.76
CA VAL A 137 -19.95 2.64 -12.90
C VAL A 137 -19.47 3.97 -13.47
N ASP A 138 -19.32 4.98 -12.62
CA ASP A 138 -18.79 6.32 -12.99
C ASP A 138 -17.52 6.15 -13.84
N ILE A 139 -16.58 5.31 -13.40
CA ILE A 139 -15.27 5.11 -14.07
C ILE A 139 -15.47 4.39 -15.41
N ALA A 140 -16.35 3.39 -15.46
CA ALA A 140 -16.70 2.68 -16.71
C ALA A 140 -17.27 3.67 -17.73
N LEU A 141 -18.17 4.56 -17.27
CA LEU A 141 -18.82 5.60 -18.10
C LEU A 141 -17.73 6.48 -18.72
N GLY A 142 -16.76 6.91 -17.94
CA GLY A 142 -15.66 7.75 -18.43
C GLY A 142 -14.80 7.02 -19.43
N MET A 143 -14.49 5.76 -19.15
CA MET A 143 -13.66 4.92 -20.04
C MET A 143 -14.44 4.59 -21.31
N GLU A 144 -15.76 4.38 -21.19
CA GLU A 144 -16.64 4.10 -22.36
C GLU A 144 -16.57 5.30 -23.32
N TYR A 145 -16.59 6.51 -22.78
CA TYR A 145 -16.44 7.78 -23.53
C TYR A 145 -15.10 7.79 -24.27
N LEU A 146 -13.99 7.54 -23.55
CA LEU A 146 -12.61 7.63 -24.09
C LEU A 146 -12.40 6.57 -25.18
N SER A 147 -12.94 5.36 -25.00
CA SER A 147 -12.93 4.30 -26.04
C SER A 147 -13.61 4.80 -27.32
N ASN A 148 -14.75 5.49 -27.21
CA ASN A 148 -15.54 6.04 -28.35
C ASN A 148 -14.72 7.07 -29.14
N ARG A 149 -13.79 7.79 -28.49
CA ARG A 149 -12.87 8.76 -29.13
C ARG A 149 -11.57 8.04 -29.51
N ASN A 150 -11.54 6.71 -29.41
CA ASN A 150 -10.36 5.84 -29.71
C ASN A 150 -9.13 6.36 -28.95
N PHE A 151 -9.29 6.71 -27.67
CA PHE A 151 -8.24 7.37 -26.84
C PHE A 151 -7.85 6.46 -25.66
N LEU A 152 -6.61 5.95 -25.69
CA LEU A 152 -5.98 5.08 -24.66
C LEU A 152 -5.69 5.88 -23.38
N HIS A 153 -6.12 5.37 -22.23
CA HIS A 153 -5.85 5.99 -20.90
C HIS A 153 -4.39 5.77 -20.50
N ARG A 154 -3.97 4.51 -20.32
CA ARG A 154 -2.56 4.06 -20.11
C ARG A 154 -2.10 4.17 -18.65
N ASP A 155 -2.89 4.74 -17.74
CA ASP A 155 -2.55 4.83 -16.30
C ASP A 155 -3.85 4.84 -15.47
N LEU A 156 -4.79 3.94 -15.78
CA LEU A 156 -6.03 3.77 -14.98
C LEU A 156 -5.68 3.09 -13.65
N ALA A 157 -5.97 3.79 -12.54
CA ALA A 157 -5.78 3.31 -11.15
C ALA A 157 -6.61 4.21 -10.25
N ALA A 158 -7.07 3.71 -9.11
CA ALA A 158 -7.93 4.46 -8.17
C ALA A 158 -7.30 5.83 -7.87
N ARG A 159 -5.97 5.89 -7.72
CA ARG A 159 -5.21 7.13 -7.37
C ARG A 159 -5.32 8.17 -8.52
N ASN A 160 -5.71 7.76 -9.73
CA ASN A 160 -5.84 8.64 -10.94
C ASN A 160 -7.31 8.92 -11.25
N CYS A 161 -8.23 8.55 -10.36
CA CYS A 161 -9.67 8.85 -10.46
C CYS A 161 -10.03 9.91 -9.43
N MET A 162 -10.66 11.01 -9.87
CA MET A 162 -10.89 12.21 -9.02
C MET A 162 -12.38 12.29 -8.66
N LEU A 163 -12.68 12.90 -7.52
CA LEU A 163 -14.07 13.13 -7.01
C LEU A 163 -14.47 14.59 -7.28
N ARG A 164 -15.42 14.79 -8.19
CA ARG A 164 -16.14 16.07 -8.42
C ARG A 164 -16.87 16.43 -7.13
N ASP A 165 -17.23 17.70 -6.96
CA ASP A 165 -17.83 18.28 -5.73
C ASP A 165 -19.17 17.59 -5.39
N ASP A 166 -19.78 16.94 -6.37
CA ASP A 166 -21.04 16.16 -6.21
C ASP A 166 -20.71 14.69 -5.90
N MET A 167 -19.45 14.34 -5.66
CA MET A 167 -18.99 12.98 -5.27
C MET A 167 -19.20 11.98 -6.41
N THR A 168 -19.34 12.45 -7.65
CA THR A 168 -19.26 11.59 -8.87
C THR A 168 -17.79 11.46 -9.24
N VAL A 169 -17.39 10.35 -9.88
CA VAL A 169 -15.97 10.03 -10.18
C VAL A 169 -15.66 10.33 -11.64
N CYS A 170 -14.59 11.08 -11.89
CA CYS A 170 -14.05 11.30 -13.25
C CYS A 170 -12.65 10.68 -13.32
N VAL A 171 -12.28 10.19 -14.50
CA VAL A 171 -10.93 9.64 -14.82
C VAL A 171 -9.99 10.80 -15.16
N ALA A 172 -8.69 10.66 -14.84
CA ALA A 172 -7.66 11.70 -15.02
C ALA A 172 -6.32 11.06 -15.39
N ASP A 173 -5.30 11.89 -15.71
CA ASP A 173 -4.07 11.56 -16.50
C ASP A 173 -4.46 10.90 -17.84
N PHE A 174 -5.42 11.50 -18.55
CA PHE A 174 -6.22 10.89 -19.67
C PHE A 174 -7.69 10.75 -19.26
N MET A 194 7.32 2.15 -11.64
CA MET A 194 6.92 0.92 -12.36
C MET A 194 5.56 0.46 -11.85
N PRO A 195 4.43 0.83 -12.50
CA PRO A 195 3.09 0.47 -12.02
C PRO A 195 2.68 -0.89 -12.58
N VAL A 196 3.54 -1.91 -12.47
CA VAL A 196 3.38 -3.22 -13.17
C VAL A 196 2.10 -3.93 -12.68
N LYS A 197 1.62 -3.65 -11.46
CA LYS A 197 0.46 -4.37 -10.88
C LYS A 197 -0.85 -3.90 -11.52
N TRP A 198 -0.81 -2.95 -12.46
CA TRP A 198 -1.99 -2.51 -13.26
C TRP A 198 -1.80 -2.82 -14.74
N ILE A 199 -0.66 -3.38 -15.13
CA ILE A 199 -0.29 -3.59 -16.57
C ILE A 199 -0.72 -4.99 -16.98
N ALA A 200 -1.46 -5.09 -18.09
CA ALA A 200 -1.97 -6.35 -18.66
C ALA A 200 -0.80 -7.24 -19.09
N ILE A 201 -0.98 -8.55 -18.92
CA ILE A 201 -0.01 -9.63 -19.28
C ILE A 201 0.61 -9.38 -20.65
N GLU A 202 -0.17 -9.02 -21.67
CA GLU A 202 0.34 -8.84 -23.06
C GLU A 202 1.24 -7.61 -23.13
N SER A 203 0.96 -6.60 -22.28
CA SER A 203 1.67 -5.31 -22.20
C SER A 203 2.94 -5.46 -21.38
N LEU A 204 2.96 -6.37 -20.40
CA LEU A 204 4.18 -6.67 -19.60
C LEU A 204 5.22 -7.34 -20.51
N ALA A 205 4.83 -8.38 -21.25
CA ALA A 205 5.70 -9.11 -22.19
C ALA A 205 5.90 -8.27 -23.46
N ASP A 206 4.87 -8.23 -24.32
CA ASP A 206 4.98 -7.96 -25.78
C ASP A 206 5.39 -6.51 -26.02
N ARG A 207 5.12 -5.62 -25.06
CA ARG A 207 5.35 -4.16 -25.18
C ARG A 207 4.29 -3.60 -26.13
N VAL A 208 3.02 -3.92 -25.87
CA VAL A 208 1.81 -3.52 -26.65
C VAL A 208 0.80 -2.93 -25.66
N TYR A 209 0.01 -1.94 -26.08
CA TYR A 209 -1.06 -1.38 -25.23
C TYR A 209 -2.26 -0.96 -26.07
N THR A 210 -3.39 -1.66 -25.87
CA THR A 210 -4.67 -1.43 -26.59
C THR A 210 -5.77 -1.13 -25.56
N SER A 211 -6.94 -0.68 -26.03
CA SER A 211 -8.17 -0.50 -25.23
C SER A 211 -8.35 -1.66 -24.25
N LYS A 212 -7.96 -2.87 -24.62
CA LYS A 212 -8.19 -4.10 -23.80
C LYS A 212 -7.26 -4.13 -22.59
N SER A 213 -6.08 -3.50 -22.70
CA SER A 213 -5.14 -3.27 -21.58
C SER A 213 -5.78 -2.31 -20.56
N ASP A 214 -6.41 -1.23 -21.03
CA ASP A 214 -7.19 -0.28 -20.18
C ASP A 214 -8.27 -1.05 -19.42
N VAL A 215 -8.97 -1.96 -20.10
CA VAL A 215 -10.00 -2.85 -19.48
C VAL A 215 -9.34 -3.62 -18.33
N TRP A 216 -8.14 -4.16 -18.56
CA TRP A 216 -7.37 -4.90 -17.53
C TRP A 216 -7.10 -3.97 -16.34
N ALA A 217 -6.62 -2.77 -16.62
CA ALA A 217 -6.37 -1.72 -15.59
C ALA A 217 -7.67 -1.39 -14.85
N PHE A 218 -8.80 -1.36 -15.55
CA PHE A 218 -10.11 -1.09 -14.93
C PHE A 218 -10.47 -2.23 -13.95
N GLY A 219 -10.15 -3.47 -14.32
CA GLY A 219 -10.30 -4.65 -13.43
C GLY A 219 -9.61 -4.42 -12.09
N VAL A 220 -8.34 -4.00 -12.11
CA VAL A 220 -7.49 -3.78 -10.90
C VAL A 220 -8.11 -2.65 -10.07
N THR A 221 -8.55 -1.58 -10.75
CA THR A 221 -9.17 -0.39 -10.14
C THR A 221 -10.43 -0.85 -9.38
N MET A 222 -11.27 -1.67 -10.02
CA MET A 222 -12.51 -2.21 -9.40
C MET A 222 -12.14 -2.94 -8.10
N TRP A 223 -11.05 -3.69 -8.14
CA TRP A 223 -10.53 -4.49 -7.00
C TRP A 223 -10.03 -3.54 -5.90
N GLU A 224 -9.26 -2.52 -6.29
CA GLU A 224 -8.84 -1.41 -5.39
C GLU A 224 -10.05 -0.83 -4.67
N ILE A 225 -11.16 -0.67 -5.37
CA ILE A 225 -12.38 -0.07 -4.77
C ILE A 225 -13.04 -1.07 -3.81
N ALA A 226 -13.19 -2.34 -4.19
CA ALA A 226 -13.89 -3.36 -3.38
C ALA A 226 -13.10 -3.67 -2.10
N THR A 227 -11.79 -3.50 -2.13
CA THR A 227 -10.85 -3.71 -0.99
C THR A 227 -10.68 -2.39 -0.24
N ARG A 228 -11.30 -1.32 -0.73
CA ARG A 228 -11.17 0.07 -0.19
C ARG A 228 -9.69 0.44 -0.05
N GLY A 229 -8.86 0.13 -1.06
CA GLY A 229 -7.55 0.76 -1.24
C GLY A 229 -6.34 -0.15 -0.95
N MET A 230 -6.55 -1.47 -0.87
CA MET A 230 -5.43 -2.44 -0.77
C MET A 230 -4.55 -2.28 -2.01
N THR A 231 -3.24 -2.46 -1.86
CA THR A 231 -2.33 -2.67 -3.01
C THR A 231 -2.70 -3.99 -3.68
N PRO A 232 -2.85 -4.06 -5.02
CA PRO A 232 -3.04 -5.35 -5.68
C PRO A 232 -1.96 -6.39 -5.35
N TYR A 233 -2.37 -7.65 -5.28
CA TYR A 233 -1.49 -8.84 -5.15
C TYR A 233 -0.65 -8.74 -3.86
N PRO A 234 -1.28 -8.72 -2.68
CA PRO A 234 -0.54 -8.97 -1.44
C PRO A 234 0.23 -10.29 -1.58
N GLY A 235 1.40 -10.40 -0.96
CA GLY A 235 2.26 -11.60 -1.07
C GLY A 235 3.23 -11.53 -2.25
N VAL A 236 2.86 -10.82 -3.32
CA VAL A 236 3.59 -10.83 -4.63
C VAL A 236 4.37 -9.52 -4.82
N GLN A 237 5.69 -9.64 -5.04
CA GLN A 237 6.60 -8.49 -5.34
C GLN A 237 6.44 -8.10 -6.81
N ASN A 238 6.77 -6.87 -7.17
CA ASN A 238 6.55 -6.30 -8.53
C ASN A 238 7.27 -7.14 -9.59
N HIS A 239 8.56 -7.45 -9.38
CA HIS A 239 9.39 -8.21 -10.36
C HIS A 239 8.87 -9.64 -10.58
N GLU A 240 7.95 -10.13 -9.75
CA GLU A 240 7.44 -11.52 -9.82
C GLU A 240 6.06 -11.55 -10.50
N MET A 241 5.53 -10.41 -10.94
CA MET A 241 4.13 -10.26 -11.41
C MET A 241 3.93 -10.94 -12.77
N TYR A 242 4.91 -10.88 -13.66
CA TYR A 242 4.80 -11.48 -15.02
C TYR A 242 4.60 -13.00 -14.89
N ASP A 243 5.51 -13.69 -14.20
CA ASP A 243 5.48 -15.17 -13.97
C ASP A 243 4.18 -15.55 -13.27
N TYR A 244 3.82 -14.78 -12.23
CA TYR A 244 2.62 -15.00 -11.38
C TYR A 244 1.38 -15.06 -12.28
N LEU A 245 1.26 -14.07 -13.17
CA LEU A 245 0.15 -13.94 -14.16
C LEU A 245 0.25 -15.08 -15.18
N LEU A 246 1.45 -15.24 -15.75
CA LEU A 246 1.75 -16.26 -16.79
C LEU A 246 1.29 -17.65 -16.31
N HIS A 247 1.51 -18.01 -15.04
CA HIS A 247 1.04 -19.28 -14.45
C HIS A 247 -0.47 -19.25 -14.18
N GLY A 248 -1.22 -18.29 -14.74
CA GLY A 248 -2.69 -18.29 -14.74
C GLY A 248 -3.31 -17.64 -13.51
N HIS A 249 -2.53 -17.18 -12.52
CA HIS A 249 -3.02 -16.60 -11.25
C HIS A 249 -3.53 -15.17 -11.47
N ARG A 250 -4.57 -14.77 -10.74
CA ARG A 250 -5.21 -13.44 -10.80
C ARG A 250 -5.48 -12.89 -9.39
N LEU A 251 -5.81 -11.60 -9.27
CA LEU A 251 -6.26 -10.99 -7.99
C LEU A 251 -7.40 -11.85 -7.42
N LYS A 252 -7.43 -11.99 -6.11
CA LYS A 252 -8.38 -12.89 -5.41
C LYS A 252 -9.66 -12.09 -5.15
N GLN A 253 -10.80 -12.76 -5.01
CA GLN A 253 -12.10 -12.14 -4.62
C GLN A 253 -11.94 -11.50 -3.24
N PRO A 254 -12.13 -10.17 -3.10
CA PRO A 254 -12.17 -9.50 -1.80
C PRO A 254 -13.26 -10.04 -0.86
N GLU A 255 -13.06 -9.90 0.46
CA GLU A 255 -13.90 -10.52 1.51
C GLU A 255 -15.36 -10.16 1.26
N ASP A 256 -15.66 -8.86 1.07
CA ASP A 256 -17.05 -8.32 1.01
C ASP A 256 -17.70 -8.60 -0.35
N CYS A 257 -16.89 -8.89 -1.37
CA CYS A 257 -17.23 -8.76 -2.81
C CYS A 257 -18.30 -9.77 -3.22
N LEU A 258 -19.36 -9.29 -3.90
CA LEU A 258 -20.42 -10.13 -4.52
C LEU A 258 -19.76 -10.98 -5.60
N ASP A 259 -20.18 -12.24 -5.71
CA ASP A 259 -19.71 -13.17 -6.78
C ASP A 259 -19.93 -12.50 -8.14
N GLU A 260 -21.10 -11.92 -8.34
CA GLU A 260 -21.52 -11.26 -9.62
C GLU A 260 -20.48 -10.16 -9.93
N LEU A 261 -20.08 -9.38 -8.93
CA LEU A 261 -19.08 -8.32 -9.09
C LEU A 261 -17.72 -8.94 -9.43
N TYR A 262 -17.33 -9.98 -8.70
CA TYR A 262 -16.01 -10.62 -8.87
C TYR A 262 -15.90 -11.22 -10.27
N GLU A 263 -16.97 -11.83 -10.79
CA GLU A 263 -16.97 -12.40 -12.18
C GLU A 263 -16.80 -11.26 -13.21
N ILE A 264 -17.34 -10.07 -12.96
CA ILE A 264 -17.17 -8.88 -13.86
C ILE A 264 -15.69 -8.47 -13.86
N MET A 265 -15.09 -8.40 -12.66
CA MET A 265 -13.68 -8.00 -12.38
C MET A 265 -12.72 -8.98 -13.07
N TYR A 266 -12.97 -10.27 -12.87
CA TYR A 266 -12.18 -11.40 -13.44
C TYR A 266 -12.17 -11.32 -14.97
N SER A 267 -13.33 -11.02 -15.59
CA SER A 267 -13.51 -10.91 -17.06
C SER A 267 -12.54 -9.86 -17.65
N CYS A 268 -12.05 -8.92 -16.84
CA CYS A 268 -11.08 -7.89 -17.28
C CYS A 268 -9.67 -8.46 -17.38
N TRP A 269 -9.41 -9.66 -16.85
CA TRP A 269 -8.03 -10.21 -16.77
C TRP A 269 -7.89 -11.49 -17.58
N ARG A 270 -8.79 -11.76 -18.53
CA ARG A 270 -8.69 -12.95 -19.40
C ARG A 270 -7.42 -12.81 -20.24
N THR A 271 -6.66 -13.91 -20.42
CA THR A 271 -5.30 -13.93 -21.02
C THR A 271 -5.32 -13.28 -22.41
N ASP A 272 -6.32 -13.65 -23.24
CA ASP A 272 -6.51 -13.08 -24.59
C ASP A 272 -7.23 -11.74 -24.46
N PRO A 273 -6.62 -10.63 -24.93
CA PRO A 273 -7.29 -9.33 -24.87
C PRO A 273 -8.69 -9.40 -25.49
N LEU A 274 -8.83 -10.18 -26.57
CA LEU A 274 -10.07 -10.23 -27.39
C LEU A 274 -11.22 -10.88 -26.61
N ASP A 275 -10.91 -11.59 -25.51
CA ASP A 275 -11.91 -12.20 -24.61
C ASP A 275 -12.41 -11.20 -23.55
N ARG A 276 -11.69 -10.11 -23.33
CA ARG A 276 -12.09 -9.10 -22.31
C ARG A 276 -13.28 -8.34 -22.87
N PRO A 277 -14.30 -7.98 -22.06
CA PRO A 277 -15.41 -7.18 -22.57
C PRO A 277 -14.91 -5.77 -22.92
N THR A 278 -15.72 -5.01 -23.66
CA THR A 278 -15.53 -3.56 -23.91
C THR A 278 -16.01 -2.80 -22.67
N PHE A 279 -15.60 -1.53 -22.52
CA PHE A 279 -16.06 -0.64 -21.42
C PHE A 279 -17.56 -0.44 -21.52
N SER A 280 -18.10 -0.46 -22.74
CA SER A 280 -19.55 -0.33 -23.04
C SER A 280 -20.31 -1.50 -22.39
N VAL A 281 -19.77 -2.72 -22.48
CA VAL A 281 -20.37 -3.95 -21.91
C VAL A 281 -20.25 -3.89 -20.38
N LEU A 282 -19.04 -3.61 -19.89
CA LEU A 282 -18.73 -3.56 -18.44
C LEU A 282 -19.67 -2.57 -17.76
N ARG A 283 -19.89 -1.42 -18.40
CA ARG A 283 -20.66 -0.31 -17.79
C ARG A 283 -22.08 -0.80 -17.56
N LEU A 284 -22.66 -1.51 -18.52
CA LEU A 284 -24.07 -1.97 -18.45
C LEU A 284 -24.18 -3.10 -17.43
N GLN A 285 -23.25 -4.07 -17.45
CA GLN A 285 -23.20 -5.17 -16.45
C GLN A 285 -23.18 -4.56 -15.05
N LEU A 286 -22.34 -3.56 -14.82
CA LEU A 286 -22.22 -2.88 -13.49
C LEU A 286 -23.50 -2.08 -13.21
N GLU A 287 -24.06 -1.37 -14.17
CA GLU A 287 -25.30 -0.58 -13.95
C GLU A 287 -26.43 -1.53 -13.53
N LYS A 288 -26.48 -2.71 -14.16
CA LYS A 288 -27.57 -3.70 -13.99
C LYS A 288 -27.41 -4.36 -12.62
N LEU A 289 -26.16 -4.61 -12.22
CA LEU A 289 -25.84 -5.11 -10.87
C LEU A 289 -26.26 -4.06 -9.84
N LEU A 290 -25.79 -2.82 -9.99
CA LEU A 290 -26.10 -1.70 -9.06
C LEU A 290 -27.61 -1.55 -8.90
N GLU A 291 -28.38 -1.79 -9.97
CA GLU A 291 -29.85 -1.56 -10.00
C GLU A 291 -30.58 -2.70 -9.28
N SER A 292 -29.96 -3.88 -9.19
CA SER A 292 -30.49 -5.08 -8.49
C SER A 292 -30.35 -4.96 -6.96
N LEU A 293 -29.40 -4.16 -6.46
CA LEU A 293 -29.19 -3.86 -5.03
C LEU A 293 -30.26 -2.86 -4.58
N PRO A 294 -30.69 -2.91 -3.30
CA PRO A 294 -31.68 -1.97 -2.78
C PRO A 294 -31.15 -0.53 -2.57
N ASP A 295 -32.07 0.42 -2.40
CA ASP A 295 -31.80 1.87 -2.23
C ASP A 295 -31.75 2.20 -0.73
N LYS B 8 33.74 -14.37 18.17
CA LYS B 8 34.62 -15.52 18.53
C LYS B 8 33.84 -16.59 19.28
N LEU B 9 32.49 -16.53 19.31
CA LEU B 9 31.62 -17.43 20.12
C LEU B 9 31.23 -18.69 19.31
N GLU B 10 31.85 -19.81 19.68
CA GLU B 10 31.68 -21.16 19.03
C GLU B 10 30.39 -21.81 19.53
N ASP B 11 29.80 -21.32 20.62
CA ASP B 11 28.65 -21.96 21.30
C ASP B 11 27.39 -21.92 20.41
N VAL B 12 27.41 -21.16 19.31
CA VAL B 12 26.23 -20.92 18.43
C VAL B 12 26.52 -21.42 17.01
N VAL B 13 27.78 -21.75 16.69
CA VAL B 13 28.21 -22.11 15.31
C VAL B 13 27.74 -23.55 15.01
N ILE B 14 27.18 -23.75 13.82
CA ILE B 14 26.68 -25.06 13.32
C ILE B 14 27.55 -25.50 12.14
N ASP B 15 27.99 -26.76 12.16
CA ASP B 15 28.71 -27.41 11.02
C ASP B 15 27.89 -27.19 9.75
N ARG B 16 28.49 -26.59 8.71
CA ARG B 16 27.81 -26.24 7.44
C ARG B 16 27.20 -27.53 6.84
N ASN B 17 27.82 -28.69 7.09
CA ASN B 17 27.40 -29.98 6.45
C ASN B 17 26.01 -30.40 6.95
N LEU B 18 25.58 -29.94 8.13
CA LEU B 18 24.26 -30.29 8.72
C LEU B 18 23.14 -29.51 8.05
N LEU B 19 23.46 -28.59 7.13
CA LEU B 19 22.47 -27.64 6.55
C LEU B 19 22.38 -27.81 5.03
N ILE B 20 21.16 -27.85 4.49
CA ILE B 20 20.84 -27.79 3.03
C ILE B 20 20.01 -26.52 2.79
N LEU B 21 20.36 -25.71 1.78
CA LEU B 21 19.64 -24.45 1.43
C LEU B 21 18.68 -24.72 0.27
N GLY B 22 17.44 -24.25 0.37
CA GLY B 22 16.40 -24.39 -0.66
C GLY B 22 16.12 -23.09 -1.36
N LYS B 23 14.86 -22.84 -1.69
CA LYS B 23 14.37 -21.65 -2.44
C LYS B 23 14.48 -20.39 -1.56
N ILE B 24 14.66 -19.22 -2.19
CA ILE B 24 14.56 -17.87 -1.57
C ILE B 24 13.11 -17.65 -1.11
N LEU B 25 12.95 -17.19 0.14
CA LEU B 25 11.67 -16.79 0.78
C LEU B 25 11.50 -15.28 0.73
N GLY B 26 12.60 -14.54 0.75
CA GLY B 26 12.65 -13.06 0.64
C GLY B 26 14.09 -12.61 0.46
N GLU B 27 14.34 -11.50 -0.24
CA GLU B 27 15.71 -11.01 -0.57
C GLU B 27 15.78 -9.50 -0.28
N GLU B 29 18.68 -5.22 0.05
CA GLU B 29 20.15 -5.21 -0.15
C GLU B 29 20.84 -6.04 0.93
N PHE B 30 20.38 -5.96 2.19
CA PHE B 30 20.97 -6.61 3.41
C PHE B 30 21.34 -8.06 3.12
N GLY B 31 20.46 -8.79 2.42
CA GLY B 31 20.66 -10.20 2.04
C GLY B 31 19.35 -10.95 1.89
N SER B 32 19.42 -12.24 1.56
CA SER B 32 18.28 -13.13 1.23
C SER B 32 17.92 -14.05 2.41
N VAL B 33 16.64 -14.40 2.54
CA VAL B 33 16.16 -15.50 3.42
C VAL B 33 15.78 -16.69 2.54
N MET B 34 16.28 -17.87 2.90
CA MET B 34 16.05 -19.15 2.19
C MET B 34 15.47 -20.17 3.17
N GLU B 35 14.56 -21.01 2.69
CA GLU B 35 14.17 -22.26 3.37
C GLU B 35 15.41 -23.13 3.51
N GLY B 36 15.39 -24.03 4.49
CA GLY B 36 16.51 -24.93 4.76
C GLY B 36 16.07 -26.14 5.54
N ASN B 37 16.88 -27.20 5.42
CA ASN B 37 16.81 -28.40 6.27
C ASN B 37 18.05 -28.36 7.14
N LEU B 38 17.84 -28.35 8.46
CA LEU B 38 18.93 -28.54 9.46
C LEU B 38 18.81 -29.96 10.01
N LYS B 39 19.87 -30.74 9.92
CA LYS B 39 20.01 -32.01 10.69
C LYS B 39 20.32 -31.65 12.15
N GLN B 40 19.46 -32.09 13.06
CA GLN B 40 19.52 -31.80 14.52
C GLN B 40 20.36 -32.86 15.24
N GLU B 41 20.71 -32.59 16.51
CA GLU B 41 21.59 -33.43 17.36
C GLU B 41 21.00 -34.85 17.49
N ASP B 42 19.69 -35.01 17.35
CA ASP B 42 18.95 -36.29 17.55
C ASP B 42 18.76 -37.03 16.22
N GLY B 43 19.36 -36.54 15.14
CA GLY B 43 19.33 -37.19 13.80
C GLY B 43 18.13 -36.76 12.93
N THR B 44 17.06 -36.21 13.49
CA THR B 44 15.92 -35.68 12.72
C THR B 44 16.34 -34.42 11.95
N SER B 45 15.53 -34.05 10.94
CA SER B 45 15.72 -32.86 10.08
C SER B 45 14.60 -31.85 10.37
N LEU B 46 14.96 -30.62 10.73
CA LEU B 46 14.03 -29.47 10.99
C LEU B 46 14.01 -28.56 9.74
N LYS B 47 12.85 -28.03 9.37
CA LYS B 47 12.75 -26.89 8.42
C LYS B 47 13.19 -25.61 9.15
N VAL B 48 14.13 -24.89 8.55
CA VAL B 48 14.67 -23.63 9.12
C VAL B 48 14.57 -22.56 8.04
N ALA B 49 14.62 -21.28 8.43
CA ALA B 49 14.92 -20.15 7.52
C ALA B 49 16.40 -19.80 7.68
N VAL B 50 17.04 -19.26 6.66
CA VAL B 50 18.50 -18.91 6.69
C VAL B 50 18.66 -17.49 6.11
N LYS B 51 18.95 -16.50 6.97
CA LYS B 51 19.32 -15.12 6.57
C LYS B 51 20.81 -15.15 6.17
N THR B 52 21.11 -14.81 4.91
CA THR B 52 22.48 -14.56 4.41
C THR B 52 22.73 -13.04 4.41
N ALA B 70 27.85 -11.62 13.19
CA ALA B 70 26.80 -10.57 13.27
C ALA B 70 26.36 -10.38 14.74
N ALA B 71 25.16 -9.86 14.99
CA ALA B 71 24.54 -9.71 16.33
C ALA B 71 24.14 -11.09 16.87
N CYS B 72 24.80 -11.57 17.93
CA CYS B 72 24.49 -12.87 18.61
C CYS B 72 23.42 -12.65 19.70
N MET B 73 22.14 -12.79 19.34
CA MET B 73 20.97 -12.70 20.27
C MET B 73 20.65 -14.08 20.87
N LYS B 74 21.67 -14.92 21.05
CA LYS B 74 21.57 -16.26 21.71
C LYS B 74 21.29 -16.05 23.20
N ASP B 75 20.52 -16.96 23.80
CA ASP B 75 20.07 -16.94 25.23
C ASP B 75 18.69 -16.28 25.32
N PHE B 76 18.20 -15.58 24.28
CA PHE B 76 16.81 -15.05 24.25
C PHE B 76 15.84 -16.22 24.15
N SER B 77 15.24 -16.61 25.27
CA SER B 77 14.16 -17.64 25.34
C SER B 77 12.85 -16.93 25.69
N HIS B 78 11.90 -16.90 24.77
CA HIS B 78 10.53 -16.38 25.02
C HIS B 78 9.64 -16.74 23.83
N PRO B 79 8.42 -17.27 24.05
CA PRO B 79 7.56 -17.70 22.96
C PRO B 79 7.30 -16.62 21.89
N ASN B 80 7.22 -15.36 22.32
CA ASN B 80 6.86 -14.16 21.50
C ASN B 80 8.11 -13.38 21.05
N VAL B 81 9.29 -14.00 21.12
CA VAL B 81 10.58 -13.53 20.54
C VAL B 81 11.12 -14.65 19.66
N ILE B 82 11.63 -14.34 18.48
CA ILE B 82 12.13 -15.38 17.54
C ILE B 82 13.45 -15.92 18.10
N ARG B 83 13.62 -17.25 18.13
CA ARG B 83 14.83 -17.90 18.68
C ARG B 83 15.86 -18.02 17.55
N LEU B 84 17.09 -17.58 17.77
CA LEU B 84 18.25 -17.95 16.92
C LEU B 84 18.59 -19.41 17.21
N LEU B 85 18.65 -20.26 16.19
CA LEU B 85 18.95 -21.71 16.33
C LEU B 85 20.46 -21.93 16.26
N GLY B 86 21.16 -21.10 15.48
CA GLY B 86 22.63 -21.08 15.38
C GLY B 86 23.13 -20.23 14.21
N VAL B 87 24.44 -20.30 13.93
CA VAL B 87 25.12 -19.55 12.83
C VAL B 87 25.97 -20.54 12.03
N CYS B 88 26.08 -20.35 10.70
CA CYS B 88 27.02 -21.08 9.81
C CYS B 88 27.96 -20.07 9.14
N ILE B 89 29.20 -20.50 8.83
CA ILE B 89 30.12 -19.82 7.88
C ILE B 89 30.47 -20.81 6.76
N GLU B 90 29.86 -20.70 5.57
CA GLU B 90 30.33 -21.33 4.30
C GLU B 90 31.47 -20.49 3.74
N MET B 91 32.51 -21.13 3.21
CA MET B 91 33.60 -20.46 2.47
C MET B 91 33.18 -20.44 1.00
N SER B 92 33.32 -19.31 0.30
CA SER B 92 33.13 -19.22 -1.18
C SER B 92 34.30 -19.90 -1.89
N SER B 93 34.12 -20.26 -3.16
CA SER B 93 35.16 -20.83 -4.06
C SER B 93 36.48 -20.05 -3.92
N GLN B 94 36.39 -18.73 -3.71
CA GLN B 94 37.55 -17.79 -3.58
C GLN B 94 37.95 -17.61 -2.11
N GLY B 95 37.32 -18.34 -1.19
CA GLY B 95 37.62 -18.29 0.26
C GLY B 95 37.19 -16.99 0.90
N ILE B 96 36.15 -16.35 0.38
CA ILE B 96 35.40 -15.25 1.07
C ILE B 96 34.51 -15.89 2.13
N PRO B 97 34.72 -15.60 3.43
CA PRO B 97 33.81 -16.05 4.49
C PRO B 97 32.38 -15.51 4.28
N LYS B 98 31.40 -16.41 4.14
CA LYS B 98 29.96 -16.08 3.98
C LYS B 98 29.23 -16.49 5.25
N PRO B 99 28.86 -15.56 6.17
CA PRO B 99 28.10 -15.94 7.37
C PRO B 99 26.61 -16.15 7.05
N MET B 100 25.96 -17.05 7.81
CA MET B 100 24.53 -17.41 7.64
C MET B 100 23.88 -17.53 9.03
N VAL B 101 22.72 -16.89 9.21
CA VAL B 101 21.99 -16.95 10.50
C VAL B 101 20.82 -17.91 10.29
N ILE B 102 20.64 -18.86 11.21
CA ILE B 102 19.60 -19.94 11.08
C ILE B 102 18.49 -19.68 12.09
N LEU B 103 17.25 -19.58 11.62
CA LEU B 103 16.07 -19.20 12.42
C LEU B 103 14.98 -20.24 12.18
N PRO B 104 13.95 -20.32 13.06
CA PRO B 104 12.82 -21.20 12.80
C PRO B 104 12.12 -20.80 11.49
N PHE B 105 11.63 -21.77 10.73
CA PHE B 105 10.75 -21.56 9.55
C PHE B 105 9.33 -21.35 10.05
N MET B 106 8.71 -20.24 9.65
CA MET B 106 7.33 -19.83 10.02
C MET B 106 6.42 -19.96 8.80
N LYS B 107 5.71 -21.07 8.67
CA LYS B 107 4.90 -21.40 7.47
C LYS B 107 3.86 -20.29 7.22
N TYR B 108 3.35 -19.64 8.28
CA TYR B 108 2.28 -18.61 8.20
C TYR B 108 2.85 -17.23 7.86
N GLY B 109 4.19 -17.08 7.83
CA GLY B 109 4.91 -15.86 7.43
C GLY B 109 4.63 -14.66 8.34
N ASP B 110 4.83 -13.45 7.80
CA ASP B 110 4.75 -12.18 8.56
C ASP B 110 3.29 -11.83 8.83
N LEU B 111 3.05 -11.05 9.89
CA LEU B 111 1.69 -10.63 10.31
C LEU B 111 1.08 -9.68 9.26
N HIS B 112 1.88 -8.82 8.63
CA HIS B 112 1.35 -7.77 7.74
C HIS B 112 0.64 -8.45 6.57
N THR B 113 1.31 -9.41 5.94
CA THR B 113 0.80 -10.15 4.75
C THR B 113 -0.40 -11.02 5.16
N TYR B 114 -0.37 -11.57 6.37
CA TYR B 114 -1.48 -12.41 6.89
C TYR B 114 -2.75 -11.56 6.96
N LEU B 115 -2.65 -10.35 7.51
CA LEU B 115 -3.77 -9.38 7.67
C LEU B 115 -4.36 -9.02 6.30
N LEU B 116 -3.50 -8.72 5.31
CA LEU B 116 -3.92 -8.45 3.93
C LEU B 116 -4.66 -9.67 3.38
N TYR B 117 -4.10 -10.88 3.54
CA TYR B 117 -4.70 -12.14 3.05
C TYR B 117 -6.09 -12.36 3.69
N SER B 118 -6.24 -11.99 4.96
CA SER B 118 -7.49 -12.17 5.75
C SER B 118 -8.63 -11.39 5.10
N ARG B 119 -8.32 -10.34 4.32
CA ARG B 119 -9.30 -9.46 3.66
C ARG B 119 -9.65 -10.02 2.27
N LEU B 120 -9.13 -11.19 1.93
CA LEU B 120 -9.52 -11.99 0.74
C LEU B 120 -10.30 -13.20 1.24
N GLU B 121 -11.38 -13.58 0.57
CA GLU B 121 -12.23 -14.70 1.03
C GLU B 121 -11.55 -16.03 0.66
N THR B 122 -10.49 -16.02 -0.17
CA THR B 122 -9.60 -17.18 -0.44
C THR B 122 -8.63 -17.39 0.73
N GLY B 123 -8.15 -16.32 1.36
CA GLY B 123 -7.19 -16.39 2.48
C GLY B 123 -7.89 -16.69 3.80
N PRO B 124 -7.19 -16.50 4.95
CA PRO B 124 -7.77 -16.69 6.29
C PRO B 124 -9.15 -16.05 6.47
N LYS B 125 -10.00 -16.69 7.28
CA LYS B 125 -11.36 -16.16 7.61
C LYS B 125 -11.19 -14.74 8.16
N HIS B 126 -12.30 -13.97 8.25
CA HIS B 126 -12.32 -12.62 8.85
C HIS B 126 -11.85 -12.71 10.31
N ILE B 127 -10.66 -12.19 10.59
CA ILE B 127 -10.07 -12.14 11.96
C ILE B 127 -10.99 -11.25 12.81
N PRO B 128 -11.58 -11.77 13.91
CA PRO B 128 -12.39 -10.93 14.80
C PRO B 128 -11.52 -9.99 15.66
N LEU B 129 -12.14 -9.10 16.44
CA LEU B 129 -11.44 -8.12 17.33
C LEU B 129 -10.56 -8.89 18.31
N GLN B 130 -11.12 -9.90 18.99
CA GLN B 130 -10.41 -10.72 20.01
C GLN B 130 -9.04 -11.17 19.50
N THR B 131 -8.98 -11.67 18.26
CA THR B 131 -7.75 -12.25 17.65
C THR B 131 -6.74 -11.13 17.38
N LEU B 132 -7.20 -10.01 16.83
CA LEU B 132 -6.38 -8.78 16.58
C LEU B 132 -5.71 -8.32 17.88
N LEU B 133 -6.47 -8.31 18.99
CA LEU B 133 -5.97 -7.86 20.32
C LEU B 133 -4.89 -8.84 20.80
N LYS B 134 -5.16 -10.14 20.69
CA LYS B 134 -4.21 -11.21 21.09
C LYS B 134 -2.89 -11.01 20.32
N PHE B 135 -2.94 -10.69 19.02
CA PHE B 135 -1.73 -10.38 18.21
C PHE B 135 -0.96 -9.22 18.88
N MET B 136 -1.70 -8.19 19.28
CA MET B 136 -1.12 -6.98 19.92
C MET B 136 -0.50 -7.38 21.25
N VAL B 137 -1.21 -8.23 22.01
CA VAL B 137 -0.77 -8.75 23.34
C VAL B 137 0.50 -9.57 23.14
N ASP B 138 0.47 -10.54 22.21
CA ASP B 138 1.63 -11.38 21.84
C ASP B 138 2.86 -10.50 21.60
N ILE B 139 2.71 -9.41 20.84
CA ILE B 139 3.84 -8.50 20.46
C ILE B 139 4.30 -7.73 21.70
N ALA B 140 3.37 -7.26 22.54
CA ALA B 140 3.69 -6.54 23.79
C ALA B 140 4.50 -7.46 24.70
N LEU B 141 4.09 -8.73 24.81
CA LEU B 141 4.78 -9.77 25.63
C LEU B 141 6.23 -9.88 25.15
N GLY B 142 6.45 -9.98 23.86
CA GLY B 142 7.81 -10.10 23.30
C GLY B 142 8.62 -8.84 23.57
N MET B 143 8.00 -7.68 23.40
CA MET B 143 8.68 -6.38 23.59
C MET B 143 8.93 -6.18 25.09
N GLU B 144 8.01 -6.62 25.95
CA GLU B 144 8.16 -6.51 27.43
C GLU B 144 9.40 -7.29 27.85
N TYR B 145 9.61 -8.47 27.27
CA TYR B 145 10.82 -9.31 27.46
C TYR B 145 12.08 -8.53 27.06
N LEU B 146 12.10 -7.98 25.85
CA LEU B 146 13.30 -7.31 25.27
C LEU B 146 13.63 -6.06 26.06
N SER B 147 12.62 -5.29 26.51
CA SER B 147 12.80 -4.11 27.41
C SER B 147 13.49 -4.54 28.70
N ASN B 148 13.08 -5.67 29.30
CA ASN B 148 13.62 -6.20 30.58
C ASN B 148 15.10 -6.56 30.42
N ARG B 149 15.54 -6.93 29.21
CA ARG B 149 16.96 -7.25 28.88
C ARG B 149 17.64 -5.99 28.33
N ASN B 150 16.96 -4.84 28.42
CA ASN B 150 17.46 -3.50 27.98
C ASN B 150 17.95 -3.59 26.53
N PHE B 151 17.17 -4.25 25.66
CA PHE B 151 17.51 -4.53 24.25
C PHE B 151 16.53 -3.80 23.32
N LEU B 152 17.03 -2.80 22.58
CA LEU B 152 16.23 -1.96 21.65
C LEU B 152 15.96 -2.74 20.37
N HIS B 153 14.70 -2.79 19.94
CA HIS B 153 14.25 -3.50 18.71
C HIS B 153 14.72 -2.73 17.46
N ARG B 154 14.24 -1.49 17.29
CA ARG B 154 14.69 -0.50 16.25
C ARG B 154 13.98 -0.65 14.91
N ASP B 155 13.21 -1.72 14.67
CA ASP B 155 12.41 -1.87 13.42
C ASP B 155 11.13 -2.66 13.73
N LEU B 156 10.38 -2.25 14.76
CA LEU B 156 9.07 -2.84 15.08
C LEU B 156 8.05 -2.38 14.03
N ALA B 157 7.46 -3.33 13.31
CA ALA B 157 6.39 -3.12 12.31
C ALA B 157 5.71 -4.48 12.09
N ALA B 158 4.44 -4.48 11.69
CA ALA B 158 3.67 -5.72 11.44
C ALA B 158 4.45 -6.65 10.52
N ARG B 159 5.15 -6.10 9.51
CA ARG B 159 5.90 -6.91 8.49
C ARG B 159 7.09 -7.62 9.15
N ASN B 160 7.51 -7.20 10.35
CA ASN B 160 8.68 -7.74 11.10
C ASN B 160 8.21 -8.62 12.27
N CYS B 161 6.91 -8.93 12.35
CA CYS B 161 6.32 -9.87 13.34
C CYS B 161 5.90 -11.16 12.62
N MET B 162 6.31 -12.31 13.14
CA MET B 162 6.05 -13.62 12.47
C MET B 162 4.98 -14.42 13.25
N LEU B 163 4.28 -15.32 12.57
CA LEU B 163 3.26 -16.24 13.14
C LEU B 163 3.87 -17.64 13.30
N ARG B 164 4.07 -18.05 14.55
CA ARG B 164 4.38 -19.44 14.97
C ARG B 164 3.22 -20.33 14.53
N ASP B 165 3.46 -21.64 14.43
CA ASP B 165 2.54 -22.65 13.84
C ASP B 165 1.24 -22.72 14.66
N ASP B 166 1.25 -22.21 15.89
CA ASP B 166 0.09 -22.14 16.80
C ASP B 166 -0.61 -20.78 16.67
N MET B 167 -0.21 -19.97 15.68
CA MET B 167 -0.85 -18.65 15.35
C MET B 167 -0.60 -17.64 16.48
N THR B 168 0.38 -17.88 17.35
CA THR B 168 0.90 -16.86 18.30
C THR B 168 1.94 -16.02 17.55
N VAL B 169 2.13 -14.76 17.94
CA VAL B 169 3.02 -13.80 17.23
C VAL B 169 4.35 -13.67 17.97
N CYS B 170 5.47 -13.78 17.25
CA CYS B 170 6.81 -13.43 17.79
C CYS B 170 7.37 -12.24 17.00
N VAL B 171 8.13 -11.39 17.68
CA VAL B 171 8.87 -10.24 17.08
C VAL B 171 10.20 -10.74 16.47
N ALA B 172 10.67 -10.09 15.40
CA ALA B 172 11.91 -10.42 14.68
C ALA B 172 12.56 -9.14 14.15
N ASP B 173 13.72 -9.24 13.48
CA ASP B 173 14.48 -8.15 12.81
C ASP B 173 14.84 -7.03 13.81
N PHE B 174 15.43 -7.43 14.93
CA PHE B 174 16.06 -6.56 15.94
C PHE B 174 17.53 -6.96 16.06
N MET B 194 14.96 3.77 5.51
CA MET B 194 14.44 4.48 6.72
C MET B 194 12.92 4.57 6.63
N PRO B 195 12.16 3.67 7.29
CA PRO B 195 10.69 3.74 7.33
C PRO B 195 10.19 4.79 8.36
N VAL B 196 10.12 6.04 7.93
CA VAL B 196 9.87 7.22 8.81
C VAL B 196 8.49 7.12 9.49
N LYS B 197 7.53 6.40 8.90
CA LYS B 197 6.13 6.35 9.43
C LYS B 197 6.05 5.44 10.67
N TRP B 198 7.17 4.83 11.09
CA TRP B 198 7.26 4.06 12.36
C TRP B 198 8.23 4.72 13.34
N ILE B 199 8.88 5.81 12.95
CA ILE B 199 9.96 6.45 13.76
C ILE B 199 9.32 7.56 14.63
N ALA B 200 9.62 7.52 15.93
CA ALA B 200 9.13 8.48 16.94
C ALA B 200 9.69 9.87 16.63
N ILE B 201 8.87 10.89 16.91
CA ILE B 201 9.18 12.35 16.73
C ILE B 201 10.60 12.67 17.23
N GLU B 202 11.01 12.19 18.41
CA GLU B 202 12.34 12.52 19.01
C GLU B 202 13.45 11.86 18.18
N SER B 203 13.16 10.71 17.57
CA SER B 203 14.10 9.90 16.75
C SER B 203 14.19 10.47 15.34
N LEU B 204 13.13 11.09 14.84
CA LEU B 204 13.13 11.77 13.51
C LEU B 204 14.05 13.00 13.57
N ALA B 205 13.92 13.83 14.61
CA ALA B 205 14.73 15.06 14.82
C ALA B 205 16.19 14.71 15.11
N ASP B 206 16.49 14.29 16.34
CA ASP B 206 17.84 13.93 16.84
C ASP B 206 18.14 12.47 16.46
N ARG B 207 19.41 12.12 16.25
CA ARG B 207 19.88 10.71 16.08
C ARG B 207 19.76 9.97 17.43
N VAL B 208 18.55 9.94 18.01
CA VAL B 208 18.25 9.34 19.34
C VAL B 208 17.22 8.22 19.17
N TYR B 209 17.46 7.07 19.81
CA TYR B 209 16.49 5.94 19.82
C TYR B 209 16.56 5.22 21.17
N THR B 210 15.46 5.26 21.90
CA THR B 210 15.29 4.72 23.27
C THR B 210 14.16 3.69 23.28
N SER B 211 14.05 2.90 24.34
CA SER B 211 12.93 1.96 24.58
C SER B 211 11.59 2.60 24.20
N LYS B 212 11.46 3.90 24.45
CA LYS B 212 10.19 4.67 24.27
C LYS B 212 9.88 4.89 22.78
N SER B 213 10.91 4.91 21.94
CA SER B 213 10.79 4.91 20.46
C SER B 213 10.17 3.60 20.00
N ASP B 214 10.64 2.46 20.54
CA ASP B 214 10.04 1.11 20.29
C ASP B 214 8.56 1.14 20.66
N VAL B 215 8.21 1.73 21.80
CA VAL B 215 6.80 1.91 22.25
C VAL B 215 6.02 2.65 21.16
N TRP B 216 6.61 3.72 20.60
CA TRP B 216 5.99 4.51 19.51
C TRP B 216 5.76 3.59 18.30
N ALA B 217 6.76 2.83 17.90
CA ALA B 217 6.67 1.85 16.80
C ALA B 217 5.62 0.79 17.12
N PHE B 218 5.48 0.38 18.37
CA PHE B 218 4.42 -0.58 18.80
C PHE B 218 3.04 0.04 18.60
N GLY B 219 2.90 1.34 18.87
CA GLY B 219 1.67 2.11 18.60
C GLY B 219 1.24 1.96 17.15
N VAL B 220 2.17 2.20 16.21
CA VAL B 220 1.92 2.15 14.74
C VAL B 220 1.52 0.72 14.37
N THR B 221 2.23 -0.26 14.93
CA THR B 221 2.00 -1.71 14.67
C THR B 221 0.56 -2.04 15.10
N MET B 222 0.13 -1.59 16.28
CA MET B 222 -1.24 -1.82 16.79
C MET B 222 -2.25 -1.27 15.78
N TRP B 223 -1.94 -0.09 15.22
CA TRP B 223 -2.80 0.60 14.22
C TRP B 223 -2.81 -0.21 12.91
N GLU B 224 -1.64 -0.65 12.45
CA GLU B 224 -1.48 -1.60 11.31
C GLU B 224 -2.41 -2.80 11.51
N ILE B 225 -2.49 -3.32 12.72
CA ILE B 225 -3.32 -4.52 13.00
C ILE B 225 -4.81 -4.14 12.99
N ALA B 226 -5.21 -3.04 13.62
CA ALA B 226 -6.63 -2.64 13.74
C ALA B 226 -7.20 -2.25 12.37
N THR B 227 -6.34 -1.79 11.45
CA THR B 227 -6.69 -1.42 10.05
C THR B 227 -6.50 -2.63 9.13
N ARG B 228 -6.03 -3.74 9.69
CA ARG B 228 -5.69 -4.99 8.95
C ARG B 228 -4.78 -4.66 7.75
N GLY B 229 -3.77 -3.79 7.94
CA GLY B 229 -2.61 -3.69 7.04
C GLY B 229 -2.55 -2.43 6.20
N MET B 230 -3.35 -1.40 6.51
CA MET B 230 -3.21 -0.04 5.91
C MET B 230 -1.79 0.47 6.17
N THR B 231 -1.21 1.17 5.21
CA THR B 231 -0.02 2.02 5.44
C THR B 231 -0.40 3.12 6.41
N PRO B 232 0.41 3.38 7.48
CA PRO B 232 0.17 4.52 8.35
C PRO B 232 0.06 5.87 7.60
N TYR B 233 -0.80 6.76 8.10
CA TYR B 233 -0.94 8.17 7.66
C TYR B 233 -1.28 8.23 6.18
N PRO B 234 -2.43 7.68 5.75
CA PRO B 234 -2.93 7.95 4.40
C PRO B 234 -3.03 9.47 4.22
N GLY B 235 -2.82 9.97 3.00
CA GLY B 235 -2.82 11.41 2.70
C GLY B 235 -1.46 12.06 2.92
N VAL B 236 -0.61 11.51 3.80
CA VAL B 236 0.68 12.12 4.24
C VAL B 236 1.87 11.40 3.59
N GLN B 237 2.69 12.16 2.86
CA GLN B 237 3.94 11.68 2.21
C GLN B 237 5.04 11.57 3.28
N ASN B 238 6.04 10.72 3.03
CA ASN B 238 7.12 10.41 4.02
C ASN B 238 7.87 11.68 4.43
N HIS B 239 8.30 12.51 3.47
CA HIS B 239 9.13 13.71 3.72
C HIS B 239 8.39 14.73 4.59
N GLU B 240 7.07 14.63 4.74
CA GLU B 240 6.28 15.66 5.49
C GLU B 240 5.81 15.09 6.83
N MET B 241 6.35 13.95 7.26
CA MET B 241 5.90 13.23 8.49
C MET B 241 6.38 13.98 9.75
N TYR B 242 7.58 14.56 9.71
CA TYR B 242 8.16 15.34 10.83
C TYR B 242 7.24 16.51 11.16
N ASP B 243 6.96 17.38 10.17
CA ASP B 243 6.10 18.60 10.31
C ASP B 243 4.71 18.18 10.81
N TYR B 244 4.15 17.14 10.19
CA TYR B 244 2.80 16.60 10.46
C TYR B 244 2.70 16.26 11.96
N LEU B 245 3.69 15.51 12.47
CA LEU B 245 3.77 15.10 13.90
C LEU B 245 4.01 16.36 14.76
N LEU B 246 5.00 17.16 14.38
CA LEU B 246 5.41 18.40 15.10
C LEU B 246 4.19 19.28 15.36
N HIS B 247 3.28 19.43 14.40
CA HIS B 247 2.03 20.22 14.54
C HIS B 247 0.99 19.45 15.38
N GLY B 248 1.40 18.39 16.10
CA GLY B 248 0.57 17.70 17.10
C GLY B 248 -0.34 16.61 16.54
N HIS B 249 -0.34 16.36 15.22
CA HIS B 249 -1.23 15.37 14.55
C HIS B 249 -0.70 13.94 14.78
N ARG B 250 -1.61 12.97 14.90
CA ARG B 250 -1.32 11.54 15.13
C ARG B 250 -2.17 10.64 14.21
N LEU B 251 -1.84 9.35 14.09
CA LEU B 251 -2.67 8.37 13.34
C LEU B 251 -4.12 8.48 13.84
N LYS B 252 -5.09 8.36 12.95
CA LYS B 252 -6.51 8.55 13.29
C LYS B 252 -7.08 7.23 13.79
N GLN B 253 -8.14 7.27 14.60
CA GLN B 253 -8.86 6.07 15.08
C GLN B 253 -9.40 5.29 13.89
N PRO B 254 -8.97 4.02 13.68
CA PRO B 254 -9.55 3.17 12.63
C PRO B 254 -11.07 2.96 12.79
N GLU B 255 -11.73 2.65 11.67
CA GLU B 255 -13.20 2.61 11.54
C GLU B 255 -13.78 1.73 12.66
N ASP B 256 -13.26 0.50 12.83
CA ASP B 256 -13.88 -0.53 13.69
C ASP B 256 -13.39 -0.39 15.15
N CYS B 257 -12.36 0.42 15.38
CA CYS B 257 -11.50 0.40 16.60
C CYS B 257 -12.28 0.84 17.85
N LEU B 258 -12.19 0.06 18.93
CA LEU B 258 -12.77 0.42 20.26
C LEU B 258 -12.04 1.66 20.80
N ASP B 259 -12.76 2.58 21.43
CA ASP B 259 -12.18 3.80 22.05
C ASP B 259 -11.06 3.38 23.00
N GLU B 260 -11.34 2.37 23.83
CA GLU B 260 -10.40 1.82 24.84
C GLU B 260 -9.09 1.45 24.14
N LEU B 261 -9.20 0.77 22.99
CA LEU B 261 -8.02 0.33 22.22
C LEU B 261 -7.30 1.55 21.66
N TYR B 262 -8.06 2.49 21.08
CA TYR B 262 -7.47 3.67 20.43
C TYR B 262 -6.72 4.52 21.46
N GLU B 263 -7.24 4.66 22.68
CA GLU B 263 -6.54 5.46 23.74
C GLU B 263 -5.25 4.75 24.18
N ILE B 264 -5.19 3.42 24.12
CA ILE B 264 -3.94 2.66 24.42
C ILE B 264 -2.90 2.96 23.32
N MET B 265 -3.32 2.95 22.05
CA MET B 265 -2.37 3.14 20.92
C MET B 265 -1.94 4.60 20.85
N TYR B 266 -2.83 5.56 21.14
CA TYR B 266 -2.53 7.01 21.25
C TYR B 266 -1.44 7.26 22.30
N SER B 267 -1.53 6.59 23.45
CA SER B 267 -0.59 6.72 24.58
C SER B 267 0.85 6.39 24.14
N CYS B 268 1.02 5.65 23.03
CA CYS B 268 2.36 5.31 22.48
C CYS B 268 2.96 6.51 21.73
N TRP B 269 2.17 7.54 21.41
CA TRP B 269 2.63 8.64 20.54
C TRP B 269 2.68 9.98 21.28
N ARG B 270 2.69 9.98 22.61
CA ARG B 270 2.80 11.23 23.40
C ARG B 270 4.17 11.83 23.11
N THR B 271 4.22 13.16 22.95
CA THR B 271 5.39 13.92 22.44
C THR B 271 6.63 13.63 23.29
N ASP B 272 6.49 13.64 24.63
CA ASP B 272 7.59 13.33 25.57
C ASP B 272 7.68 11.82 25.70
N PRO B 273 8.84 11.21 25.36
CA PRO B 273 9.01 9.76 25.51
C PRO B 273 8.59 9.31 26.91
N LEU B 274 8.92 10.11 27.93
CA LEU B 274 8.76 9.73 29.37
C LEU B 274 7.27 9.68 29.76
N ASP B 275 6.39 10.23 28.93
CA ASP B 275 4.91 10.14 29.12
C ASP B 275 4.35 8.83 28.53
N ARG B 276 5.09 8.17 27.62
CA ARG B 276 4.62 6.91 26.98
C ARG B 276 4.67 5.81 28.04
N PRO B 277 3.69 4.89 28.10
CA PRO B 277 3.78 3.76 29.02
C PRO B 277 4.95 2.84 28.61
N THR B 278 5.33 1.95 29.52
CA THR B 278 6.29 0.84 29.27
C THR B 278 5.53 -0.27 28.57
N PHE B 279 6.24 -1.20 27.92
CA PHE B 279 5.63 -2.40 27.27
C PHE B 279 4.91 -3.25 28.33
N SER B 280 5.43 -3.23 29.55
CA SER B 280 4.85 -3.95 30.72
C SER B 280 3.44 -3.43 31.01
N VAL B 281 3.25 -2.11 30.95
CA VAL B 281 1.94 -1.44 31.21
C VAL B 281 1.00 -1.74 30.03
N LEU B 282 1.49 -1.52 28.82
CA LEU B 282 0.72 -1.72 27.57
C LEU B 282 0.16 -3.15 27.53
N ARG B 283 1.00 -4.10 27.91
CA ARG B 283 0.68 -5.54 27.78
C ARG B 283 -0.54 -5.83 28.67
N LEU B 284 -0.54 -5.29 29.88
CA LEU B 284 -1.59 -5.59 30.88
C LEU B 284 -2.87 -4.85 30.47
N GLN B 285 -2.79 -3.57 30.05
CA GLN B 285 -3.95 -2.81 29.53
C GLN B 285 -4.62 -3.60 28.42
N LEU B 286 -3.84 -4.13 27.48
CA LEU B 286 -4.36 -4.93 26.34
C LEU B 286 -4.93 -6.27 26.87
N GLU B 287 -4.24 -6.95 27.79
CA GLU B 287 -4.72 -8.25 28.33
C GLU B 287 -6.07 -8.05 29.02
N LYS B 288 -6.19 -6.92 29.73
CA LYS B 288 -7.36 -6.61 30.59
C LYS B 288 -8.52 -6.21 29.68
N LEU B 289 -8.24 -5.52 28.58
CA LEU B 289 -9.24 -5.21 27.53
C LEU B 289 -9.70 -6.53 26.91
N LEU B 290 -8.77 -7.34 26.43
CA LEU B 290 -9.06 -8.65 25.77
C LEU B 290 -9.95 -9.50 26.69
N GLU B 291 -9.75 -9.42 28.01
CA GLU B 291 -10.46 -10.26 29.01
C GLU B 291 -11.89 -9.74 29.24
N SER B 292 -12.12 -8.45 29.01
CA SER B 292 -13.34 -7.71 29.44
C SER B 292 -14.45 -7.87 28.39
N LEU B 293 -14.11 -8.01 27.11
CA LEU B 293 -15.11 -8.33 26.05
C LEU B 293 -15.19 -9.85 25.93
N PRO B 294 -16.41 -10.41 25.75
CA PRO B 294 -16.64 -11.84 26.03
C PRO B 294 -16.14 -12.77 24.90
C1 EDO C . -6.82 18.26 -8.44
O1 EDO C . -6.46 18.34 -7.08
C2 EDO C . -5.84 17.52 -9.28
O2 EDO C . -6.30 17.22 -10.60
C1 EDO D . -14.11 17.81 -15.13
O1 EDO D . -13.96 19.13 -15.61
C2 EDO D . -15.14 17.65 -14.08
O2 EDO D . -15.77 16.38 -14.11
C1 V6H E . 6.06 -17.74 4.59
C2 V6H E . 5.66 -18.77 3.55
C3 V6H E . 4.47 -18.38 2.69
C4 V6H E . 3.44 -20.70 2.33
C5 V6H E . 2.20 -21.37 2.91
C7 V6H E . 2.13 -19.00 3.34
C9 V6H E . 9.14 -18.03 7.32
F1 V6H E . 14.76 -14.80 8.43
C17 V6H E . 13.78 -14.18 9.11
C16 V6H E . 13.78 -12.81 9.14
C15 V6H E . 12.76 -12.16 9.80
C14 V6H E . 11.79 -12.92 10.40
F V6H E . 10.76 -12.28 11.00
C13 V6H E . 11.79 -14.30 10.38
C12 V6H E . 12.81 -14.95 9.72
C11 V6H E . 12.91 -16.46 9.72
N3 V6H E . 11.69 -17.23 9.54
C10 V6H E . 10.92 -17.20 8.44
N2 V6H E . 9.90 -18.06 8.42
N4 V6H E . 11.23 -16.31 7.49
C18 V6H E . 10.43 -16.24 6.41
N5 V6H E . 10.70 -15.32 5.47
C19 V6H E . 10.06 -14.01 5.42
C23 V6H E . 10.59 -13.08 6.49
C22 V6H E . 11.84 -12.45 5.88
C21 V6H E . 11.76 -12.69 4.38
C20 V6H E . 10.39 -13.27 4.13
C8 V6H E . 9.33 -17.15 6.27
C V6H E . 8.40 -17.22 5.09
O V6H E . 8.63 -16.58 4.07
N V6H E . 7.35 -18.05 5.18
N1 V6H E . 3.34 -19.32 2.81
O1 V6H E . 1.82 -17.90 3.76
C6 V6H E . 1.26 -20.23 3.29
C1 EDO F . 2.68 -14.07 5.60
O1 EDO F . 1.36 -14.56 5.72
C2 EDO F . 3.35 -14.37 4.30
O2 EDO F . 4.70 -13.89 4.26
#